data_8WHN
#
_entry.id   8WHN
#
_cell.length_a   41.368
_cell.length_b   58.708
_cell.length_c   67.578
_cell.angle_alpha   90.000
_cell.angle_beta   90.000
_cell.angle_gamma   90.000
#
_symmetry.space_group_name_H-M   'P 2 21 21'
#
loop_
_entity.id
_entity.type
_entity.pdbx_description
1 polymer 'Ribophorin 1 superfamily protein'
2 water water
#
_entity_poly.entity_id   1
_entity_poly.type   'polypeptide(L)'
_entity_poly.pdbx_seq_one_letter_code
;GPRKQRKDYEEGEESFIEQSVPIRELTRFVTLIEEKNAILLDIEKADSDLRRKRIQKKVYTKTVKNYQNKLKELNEESIP
FKRILMETGGQIQSIIQKLDFLEAEKISVKDSVKLLKDRYKRGKLPSKAAYERLSSDMIKQLASSQNKIDRYINELRAYI
I
;
_entity_poly.pdbx_strand_id   A
#
# COMPACT_ATOMS: atom_id res chain seq x y z
N SER A 20 13.97 -24.34 3.76
CA SER A 20 12.87 -24.88 2.96
C SER A 20 11.76 -23.84 2.83
N VAL A 21 10.51 -24.28 2.98
CA VAL A 21 9.36 -23.37 2.98
C VAL A 21 8.46 -23.72 4.16
N PRO A 22 8.32 -22.83 5.15
CA PRO A 22 7.54 -23.16 6.34
C PRO A 22 6.07 -22.95 6.09
N ILE A 23 5.36 -24.02 5.75
CA ILE A 23 3.98 -23.89 5.30
C ILE A 23 3.12 -23.28 6.39
N ARG A 24 3.37 -23.65 7.65
CA ARG A 24 2.55 -23.11 8.74
C ARG A 24 2.61 -21.59 8.77
N GLU A 25 3.83 -21.03 8.78
CA GLU A 25 3.98 -19.59 8.89
C GLU A 25 3.48 -18.88 7.64
N LEU A 26 3.70 -19.50 6.47
CA LEU A 26 3.28 -18.90 5.22
C LEU A 26 1.76 -18.84 5.13
N THR A 27 1.08 -19.90 5.61
CA THR A 27 -0.38 -19.92 5.57
C THR A 27 -0.96 -18.80 6.42
N ARG A 28 -0.38 -18.56 7.60
CA ARG A 28 -0.83 -17.45 8.43
C ARG A 28 -0.51 -16.10 7.80
N PHE A 29 0.70 -15.97 7.25
CA PHE A 29 1.16 -14.68 6.73
C PHE A 29 0.31 -14.20 5.56
N VAL A 30 -0.07 -15.13 4.69
CA VAL A 30 -0.85 -14.78 3.50
C VAL A 30 -2.18 -14.14 3.91
N THR A 31 -2.85 -14.67 4.92
CA THR A 31 -4.08 -14.01 5.36
C THR A 31 -3.78 -12.63 5.93
N LEU A 32 -2.70 -12.51 6.72
CA LEU A 32 -2.35 -11.23 7.32
C LEU A 32 -2.06 -10.15 6.27
N ILE A 33 -1.32 -10.48 5.21
CA ILE A 33 -0.96 -9.44 4.25
C ILE A 33 -2.11 -9.08 3.35
N GLU A 34 -3.06 -10.00 3.13
CA GLU A 34 -4.25 -9.63 2.38
C GLU A 34 -5.08 -8.64 3.17
N GLU A 35 -5.24 -8.91 4.46
CA GLU A 35 -5.93 -7.99 5.36
CA GLU A 35 -5.96 -7.97 5.33
C GLU A 35 -5.27 -6.61 5.36
N LYS A 36 -3.93 -6.60 5.40
CA LYS A 36 -3.19 -5.33 5.38
CA LYS A 36 -3.19 -5.33 5.38
C LYS A 36 -3.42 -4.60 4.06
N ASN A 37 -3.33 -5.31 2.93
CA ASN A 37 -3.56 -4.67 1.64
C ASN A 37 -4.97 -4.11 1.56
N ALA A 38 -5.94 -4.80 2.17
CA ALA A 38 -7.33 -4.34 2.17
C ALA A 38 -7.51 -3.06 2.98
N ILE A 39 -6.85 -2.97 4.15
CA ILE A 39 -6.99 -1.79 4.99
C ILE A 39 -6.32 -0.59 4.34
N LEU A 40 -5.15 -0.80 3.72
CA LEU A 40 -4.47 0.27 3.02
C LEU A 40 -5.36 0.87 1.93
N LEU A 41 -6.08 0.03 1.19
CA LEU A 41 -7.01 0.51 0.17
C LEU A 41 -8.22 1.21 0.79
N ASP A 42 -8.64 0.78 1.98
CA ASP A 42 -9.68 1.50 2.71
C ASP A 42 -9.20 2.89 3.14
N ILE A 43 -7.91 3.04 3.43
CA ILE A 43 -7.34 4.35 3.74
C ILE A 43 -7.39 5.26 2.52
N GLU A 44 -7.05 4.73 1.35
CA GLU A 44 -7.17 5.51 0.11
C GLU A 44 -8.61 5.96 -0.12
N LYS A 45 -9.58 5.06 0.14
CA LYS A 45 -10.99 5.41 0.02
CA LYS A 45 -10.99 5.43 0.01
C LYS A 45 -11.36 6.55 0.96
N ALA A 46 -10.80 6.54 2.18
CA ALA A 46 -11.02 7.65 3.09
C ALA A 46 -10.37 8.92 2.56
N ASP A 47 -9.15 8.80 2.01
CA ASP A 47 -8.49 9.94 1.39
C ASP A 47 -9.33 10.53 0.25
N SER A 48 -9.87 9.65 -0.61
CA SER A 48 -10.71 10.10 -1.72
C SER A 48 -11.99 10.77 -1.22
N ASP A 49 -12.65 10.16 -0.23
CA ASP A 49 -13.84 10.78 0.35
C ASP A 49 -13.53 12.15 0.93
N LEU A 50 -12.31 12.32 1.47
CA LEU A 50 -11.96 13.61 2.06
C LEU A 50 -11.83 14.70 0.99
N ARG A 51 -10.99 14.46 -0.02
CA ARG A 51 -10.77 15.51 -1.01
C ARG A 51 -12.01 15.80 -1.84
N ARG A 52 -12.95 14.87 -1.93
CA ARG A 52 -14.25 15.14 -2.53
C ARG A 52 -15.25 15.71 -1.53
N LYS A 53 -14.82 15.96 -0.29
CA LYS A 53 -15.65 16.56 0.77
C LYS A 53 -16.96 15.78 1.00
N ARG A 54 -16.90 14.46 0.84
CA ARG A 54 -18.04 13.57 1.08
C ARG A 54 -18.04 12.98 2.48
N ILE A 55 -17.18 13.47 3.37
CA ILE A 55 -17.05 12.95 4.73
C ILE A 55 -16.52 14.07 5.62
N GLN A 56 -17.11 14.23 6.79
CA GLN A 56 -16.65 15.27 7.71
C GLN A 56 -15.24 14.95 8.21
N LYS A 57 -14.36 15.95 8.20
CA LYS A 57 -12.99 15.76 8.67
C LYS A 57 -12.94 15.22 10.10
N LYS A 58 -14.03 15.42 10.86
CA LYS A 58 -14.20 14.72 12.13
C LYS A 58 -14.13 13.21 11.93
N VAL A 59 -14.97 12.68 11.04
CA VAL A 59 -14.97 11.24 10.79
C VAL A 59 -13.69 10.79 10.08
N TYR A 60 -13.03 11.69 9.35
CA TYR A 60 -11.81 11.30 8.64
C TYR A 60 -10.68 10.98 9.61
N THR A 61 -10.26 11.99 10.39
CA THR A 61 -9.10 11.80 11.24
C THR A 61 -9.35 10.71 12.28
N LYS A 62 -10.63 10.49 12.64
CA LYS A 62 -11.01 9.38 13.50
C LYS A 62 -10.81 8.03 12.81
N THR A 63 -11.39 7.88 11.62
CA THR A 63 -11.35 6.60 10.93
C THR A 63 -9.92 6.22 10.53
N VAL A 64 -9.13 7.21 10.10
CA VAL A 64 -7.75 6.92 9.70
C VAL A 64 -6.91 6.49 10.91
N LYS A 65 -7.07 7.16 12.05
CA LYS A 65 -6.33 6.76 13.24
C LYS A 65 -6.75 5.37 13.69
N ASN A 66 -8.01 4.99 13.45
CA ASN A 66 -8.48 3.65 13.79
C ASN A 66 -7.89 2.61 12.84
N TYR A 67 -7.92 2.90 11.52
CA TYR A 67 -7.29 2.03 10.55
C TYR A 67 -5.80 1.87 10.83
N GLN A 68 -5.12 2.98 11.17
CA GLN A 68 -3.69 2.95 11.42
C GLN A 68 -3.34 2.13 12.66
N ASN A 69 -4.30 1.95 13.57
CA ASN A 69 -4.10 1.08 14.73
C ASN A 69 -4.25 -0.39 14.34
N LYS A 70 -5.24 -0.70 13.51
CA LYS A 70 -5.34 -2.05 12.97
C LYS A 70 -4.06 -2.45 12.25
N LEU A 71 -3.50 -1.53 11.45
CA LEU A 71 -2.24 -1.82 10.76
C LEU A 71 -1.11 -2.09 11.74
N LYS A 72 -0.91 -1.19 12.71
CA LYS A 72 0.18 -1.36 13.67
C LYS A 72 0.05 -2.70 14.40
N GLU A 73 -1.18 -3.11 14.71
CA GLU A 73 -1.42 -4.38 15.39
C GLU A 73 -1.23 -5.56 14.46
N LEU A 74 -1.69 -5.44 13.20
CA LEU A 74 -1.43 -6.50 12.23
C LEU A 74 0.06 -6.63 11.95
N ASN A 75 0.74 -5.48 11.83
CA ASN A 75 2.18 -5.53 11.58
C ASN A 75 2.93 -6.15 12.76
N GLU A 76 2.49 -5.87 13.98
CA GLU A 76 3.10 -6.51 15.14
C GLU A 76 2.86 -8.02 15.11
N GLU A 77 1.61 -8.43 14.90
CA GLU A 77 1.31 -9.86 14.88
C GLU A 77 2.10 -10.59 13.79
N SER A 78 2.35 -9.93 12.67
CA SER A 78 3.01 -10.60 11.55
CA SER A 78 3.01 -10.59 11.54
C SER A 78 4.50 -10.81 11.78
N ILE A 79 5.12 -10.02 12.67
CA ILE A 79 6.57 -10.04 12.90
C ILE A 79 7.13 -11.45 13.01
N PRO A 80 6.67 -12.31 13.93
CA PRO A 80 7.31 -13.63 14.05
C PRO A 80 7.21 -14.47 12.78
N PHE A 81 6.02 -14.53 12.17
CA PHE A 81 5.85 -15.25 10.91
C PHE A 81 6.73 -14.66 9.81
N LYS A 82 6.75 -13.34 9.68
CA LYS A 82 7.57 -12.71 8.65
C LYS A 82 9.06 -12.99 8.87
N ARG A 83 9.53 -12.96 10.12
CA ARG A 83 10.93 -13.26 10.39
CA ARG A 83 10.93 -13.26 10.37
C ARG A 83 11.27 -14.70 10.00
N ILE A 84 10.43 -15.67 10.42
CA ILE A 84 10.65 -17.06 10.04
C ILE A 84 10.69 -17.20 8.53
N LEU A 85 9.79 -16.48 7.83
CA LEU A 85 9.72 -16.57 6.38
C LEU A 85 10.96 -15.95 5.73
N MET A 86 11.41 -14.80 6.23
CA MET A 86 12.57 -14.17 5.60
CA MET A 86 12.58 -14.15 5.64
C MET A 86 13.86 -14.92 5.90
N GLU A 87 13.92 -15.65 7.01
CA GLU A 87 15.11 -16.44 7.32
C GLU A 87 15.23 -17.70 6.49
N THR A 88 14.28 -17.98 5.60
CA THR A 88 14.46 -19.08 4.65
C THR A 88 15.29 -18.65 3.46
N GLY A 89 15.41 -17.34 3.21
CA GLY A 89 16.14 -16.83 2.09
C GLY A 89 15.41 -17.17 0.80
N GLY A 90 16.16 -17.09 -0.30
CA GLY A 90 15.60 -17.47 -1.58
C GLY A 90 14.39 -16.65 -1.98
N GLN A 91 13.45 -17.33 -2.65
CA GLN A 91 12.39 -16.65 -3.38
C GLN A 91 11.37 -16.01 -2.42
N ILE A 92 11.01 -16.70 -1.34
CA ILE A 92 10.02 -16.15 -0.41
C ILE A 92 10.54 -14.85 0.19
N GLN A 93 11.77 -14.88 0.72
CA GLN A 93 12.44 -13.68 1.21
C GLN A 93 12.40 -12.55 0.18
N SER A 94 12.68 -12.88 -1.08
CA SER A 94 12.72 -11.85 -2.12
C SER A 94 11.36 -11.20 -2.31
N ILE A 95 10.30 -12.03 -2.37
CA ILE A 95 8.93 -11.55 -2.57
C ILE A 95 8.52 -10.63 -1.44
N ILE A 96 8.80 -11.02 -0.19
CA ILE A 96 8.42 -10.22 0.96
C ILE A 96 9.13 -8.88 0.93
N GLN A 97 10.41 -8.88 0.58
CA GLN A 97 11.15 -7.63 0.47
C GLN A 97 10.53 -6.72 -0.58
N LYS A 98 10.14 -7.27 -1.73
CA LYS A 98 9.48 -6.46 -2.74
C LYS A 98 8.15 -5.90 -2.22
N LEU A 99 7.39 -6.70 -1.49
CA LEU A 99 6.11 -6.23 -0.97
C LEU A 99 6.31 -5.03 -0.05
N ASP A 100 7.34 -5.09 0.80
CA ASP A 100 7.70 -3.94 1.63
C ASP A 100 8.01 -2.73 0.77
N PHE A 101 8.81 -2.93 -0.28
CA PHE A 101 9.16 -1.82 -1.16
C PHE A 101 7.94 -1.22 -1.84
N LEU A 102 7.12 -2.09 -2.45
CA LEU A 102 5.98 -1.64 -3.23
C LEU A 102 4.99 -0.88 -2.37
N GLU A 103 4.75 -1.35 -1.14
CA GLU A 103 3.90 -0.61 -0.22
C GLU A 103 4.41 0.80 0.00
N ALA A 104 5.71 0.94 0.28
CA ALA A 104 6.31 2.24 0.50
C ALA A 104 6.22 3.11 -0.75
N GLU A 105 6.48 2.50 -1.93
CA GLU A 105 6.43 3.26 -3.18
C GLU A 105 5.05 3.81 -3.43
N LYS A 106 4.00 2.99 -3.21
CA LYS A 106 2.66 3.49 -3.42
C LYS A 106 2.33 4.66 -2.48
N ILE A 107 2.81 4.60 -1.23
CA ILE A 107 2.62 5.74 -0.34
C ILE A 107 3.29 6.99 -0.90
N SER A 108 4.52 6.86 -1.39
CA SER A 108 5.24 8.02 -1.93
C SER A 108 4.48 8.65 -3.09
N VAL A 109 4.08 7.84 -4.07
CA VAL A 109 3.33 8.34 -5.21
C VAL A 109 2.07 9.06 -4.75
N LYS A 110 1.39 8.50 -3.74
CA LYS A 110 0.21 9.15 -3.18
C LYS A 110 0.52 10.59 -2.76
N ASP A 111 1.58 10.77 -1.98
CA ASP A 111 1.92 12.12 -1.53
C ASP A 111 2.39 12.99 -2.69
N SER A 112 3.04 12.40 -3.70
CA SER A 112 3.48 13.17 -4.86
C SER A 112 2.29 13.76 -5.62
N VAL A 113 1.22 12.98 -5.81
CA VAL A 113 0.09 13.51 -6.56
C VAL A 113 -0.59 14.64 -5.79
N LYS A 114 -0.79 14.46 -4.49
CA LYS A 114 -1.35 15.52 -3.67
C LYS A 114 -0.52 16.79 -3.77
N LEU A 115 0.82 16.67 -3.74
CA LEU A 115 1.66 17.84 -3.86
C LEU A 115 1.58 18.46 -5.24
N LEU A 116 1.59 17.63 -6.29
CA LEU A 116 1.46 18.13 -7.64
C LEU A 116 0.15 18.89 -7.83
N LYS A 117 -0.93 18.40 -7.21
CA LYS A 117 -2.22 19.07 -7.32
C LYS A 117 -2.20 20.44 -6.65
N ASP A 118 -1.58 20.55 -5.47
CA ASP A 118 -1.48 21.84 -4.80
C ASP A 118 -0.56 22.79 -5.57
N ARG A 119 0.52 22.26 -6.14
CA ARG A 119 1.42 23.10 -6.93
C ARG A 119 0.77 23.56 -8.22
N TYR A 120 -0.15 22.77 -8.78
CA TYR A 120 -0.80 23.16 -10.03
C TYR A 120 -1.87 24.22 -9.80
N LYS A 121 -2.73 24.02 -8.79
CA LYS A 121 -3.78 24.99 -8.54
C LYS A 121 -3.23 26.33 -8.05
N ARG A 122 -2.01 26.34 -7.50
CA ARG A 122 -1.34 27.59 -7.18
CA ARG A 122 -1.32 27.59 -7.18
C ARG A 122 -0.56 28.17 -8.37
N GLY A 123 -0.75 27.60 -9.57
CA GLY A 123 -0.12 28.12 -10.77
C GLY A 123 1.40 28.03 -10.82
N LYS A 124 1.99 27.11 -10.05
CA LYS A 124 3.44 27.00 -9.95
C LYS A 124 4.04 25.97 -10.90
N LEU A 125 3.21 25.40 -11.82
CA LEU A 125 3.77 24.47 -12.79
C LEU A 125 3.98 25.17 -14.13
N PRO A 126 4.95 24.69 -14.93
CA PRO A 126 5.20 25.33 -16.24
C PRO A 126 3.96 25.46 -17.12
N SER A 127 3.19 24.39 -17.28
CA SER A 127 2.18 24.37 -18.32
C SER A 127 1.14 23.32 -17.96
N LYS A 128 -0.04 23.44 -18.58
CA LYS A 128 -1.07 22.41 -18.40
C LYS A 128 -0.61 21.09 -18.99
N ALA A 129 0.05 21.12 -20.15
CA ALA A 129 0.57 19.90 -20.76
C ALA A 129 1.58 19.20 -19.86
N ALA A 130 2.46 19.95 -19.19
CA ALA A 130 3.36 19.30 -18.24
C ALA A 130 2.59 18.69 -17.07
N TYR A 131 1.62 19.44 -16.52
CA TYR A 131 0.82 18.89 -15.41
C TYR A 131 0.11 17.61 -15.83
N GLU A 132 -0.52 17.64 -17.00
CA GLU A 132 -1.30 16.49 -17.42
C GLU A 132 -0.42 15.27 -17.66
N ARG A 133 0.79 15.47 -18.17
CA ARG A 133 1.66 14.33 -18.43
C ARG A 133 2.17 13.72 -17.13
N LEU A 134 2.60 14.57 -16.19
CA LEU A 134 3.14 14.10 -14.92
C LEU A 134 2.05 13.45 -14.06
N SER A 135 0.86 14.05 -14.01
CA SER A 135 -0.21 13.44 -13.20
C SER A 135 -0.66 12.12 -13.79
N SER A 136 -0.80 12.04 -15.13
CA SER A 136 -1.07 10.76 -15.77
CA SER A 136 -1.06 10.76 -15.79
C SER A 136 0.01 9.73 -15.45
N ASP A 137 1.29 10.16 -15.46
CA ASP A 137 2.40 9.28 -15.06
C ASP A 137 2.20 8.73 -13.66
N MET A 138 1.78 9.59 -12.73
CA MET A 138 1.62 9.14 -11.34
C MET A 138 0.42 8.23 -11.18
N ILE A 139 -0.67 8.45 -11.92
CA ILE A 139 -1.80 7.53 -11.84
C ILE A 139 -1.43 6.16 -12.39
N LYS A 140 -0.68 6.13 -13.49
CA LYS A 140 -0.18 4.85 -14.01
C LYS A 140 0.71 4.15 -12.97
N GLN A 141 1.56 4.92 -12.28
CA GLN A 141 2.46 4.32 -11.30
C GLN A 141 1.69 3.74 -10.12
N LEU A 142 0.61 4.42 -9.71
CA LEU A 142 -0.26 3.87 -8.67
C LEU A 142 -0.86 2.53 -9.08
N ALA A 143 -1.30 2.42 -10.33
CA ALA A 143 -1.87 1.17 -10.79
C ALA A 143 -0.79 0.11 -10.96
N SER A 144 0.38 0.53 -11.47
CA SER A 144 1.51 -0.38 -11.62
C SER A 144 1.97 -0.95 -10.27
N SER A 145 2.10 -0.09 -9.25
CA SER A 145 2.50 -0.56 -7.93
C SER A 145 1.49 -1.53 -7.36
N GLN A 146 0.20 -1.16 -7.38
CA GLN A 146 -0.84 -2.03 -6.85
C GLN A 146 -0.88 -3.34 -7.64
N ASN A 147 -0.66 -3.26 -8.95
CA ASN A 147 -0.66 -4.49 -9.73
C ASN A 147 0.39 -5.47 -9.23
N LYS A 148 1.62 -4.99 -9.03
CA LYS A 148 2.71 -5.85 -8.55
C LYS A 148 2.47 -6.36 -7.14
N ILE A 149 1.86 -5.55 -6.28
CA ILE A 149 1.51 -6.00 -4.94
C ILE A 149 0.58 -7.21 -5.02
N ASP A 150 -0.52 -7.07 -5.78
CA ASP A 150 -1.48 -8.16 -5.94
C ASP A 150 -0.83 -9.40 -6.55
N ARG A 151 0.05 -9.19 -7.52
CA ARG A 151 0.75 -10.31 -8.15
C ARG A 151 1.63 -11.04 -7.13
N TYR A 152 2.39 -10.31 -6.33
CA TYR A 152 3.27 -10.97 -5.37
C TYR A 152 2.49 -11.62 -4.23
N ILE A 153 1.34 -11.05 -3.85
CA ILE A 153 0.48 -11.73 -2.89
C ILE A 153 -0.06 -13.02 -3.48
N ASN A 154 -0.42 -12.99 -4.77
CA ASN A 154 -0.88 -14.21 -5.41
C ASN A 154 0.25 -15.25 -5.52
N GLU A 155 1.49 -14.80 -5.71
CA GLU A 155 2.61 -15.75 -5.76
C GLU A 155 2.82 -16.45 -4.41
N LEU A 156 2.61 -15.73 -3.30
CA LEU A 156 2.71 -16.40 -1.99
C LEU A 156 1.56 -17.36 -1.79
N ARG A 157 0.35 -16.94 -2.19
CA ARG A 157 -0.84 -17.78 -2.07
C ARG A 157 -0.67 -19.10 -2.82
N ALA A 158 -0.08 -19.05 -4.02
CA ALA A 158 0.13 -20.24 -4.84
C ALA A 158 0.94 -21.30 -4.12
N TYR A 159 1.72 -20.94 -3.10
CA TYR A 159 2.37 -21.97 -2.29
C TYR A 159 1.34 -22.83 -1.56
N ILE A 160 0.19 -22.27 -1.23
CA ILE A 160 -0.80 -22.95 -0.40
C ILE A 160 -1.95 -23.52 -1.23
N ILE A 161 -2.50 -22.72 -2.14
CA ILE A 161 -3.72 -23.14 -2.84
C ILE A 161 -3.43 -23.79 -4.19
#